data_5OBV
#
_entry.id   5OBV
#
_cell.length_a   133.547
_cell.length_b   133.547
_cell.length_c   64.519
_cell.angle_alpha   90.000
_cell.angle_beta   90.000
_cell.angle_gamma   90.000
#
_symmetry.space_group_name_H-M   'P 43 21 2'
#
loop_
_entity.id
_entity.type
_entity.pdbx_description
1 polymer 'Chaperone protein DnaK'
2 non-polymer "ADENOSINE-5'-DIPHOSPHATE"
3 non-polymer 'PHOSPHATE ION'
4 water water
#
_entity_poly.entity_id   1
_entity_poly.type   'polypeptide(L)'
_entity_poly.pdbx_seq_one_letter_code
;MSADNGLIIGIDLGTTNSCVSVMEGGRPVVLENPEGKRTTPSIVSYKNNEIIVGDAAKRQMVTNPNTIVSIKRLMGTSNK
VKVQNADGTTKELSPEQVSAQILSYLKDFAEKKIGKKISRAVITVPAYFNDAERNATKTAGKIAGLNVERIINEPTAAAL
AYGIDKASREMKVLVYDLGGGTFDVSLLDIAEGTFEVLATAGDNRLGGDDWDNKIIEYISAYIAKEHQGLNLSKDKMAMQ
RLKEAAERAKIELSAQLETIISLPFLTVTQKGPVNVELKLTRAKFEELTKPLLERTRNPISDVIKEAKIKPEEINEILLV
GGSTRMPAVQKLVESMVPGKKPNRSINPDEVVAIGAAIQGGVLRGDVKDVLLLDVTPLTLSIETLGGVATPLIKRNTTIP
VSKSQIFSTAQDNQESVDVVVCQGERPMSRDNKSLGRFNLGGIQPAPKGKPQIEITFSLDANGILNVKAKDLTTQKENSI
TISDNGNLSEEEIQKMIRDAEANKERDNIIRERIELRNEGELEHHHHHH
;
_entity_poly.pdbx_strand_id   A
#
loop_
_chem_comp.id
_chem_comp.type
_chem_comp.name
_chem_comp.formula
ADP non-polymer ADENOSINE-5'-DIPHOSPHATE 'C10 H15 N5 O10 P2'
PO4 non-polymer 'PHOSPHATE ION' 'O4 P -3'
#
# COMPACT_ATOMS: atom_id res chain seq x y z
N ASN A 5 -9.04 -16.55 14.70
CA ASN A 5 -10.44 -16.05 14.48
C ASN A 5 -10.53 -14.78 13.56
N GLY A 6 -10.46 -13.58 14.13
CA GLY A 6 -10.80 -12.34 13.42
C GLY A 6 -9.64 -11.63 12.71
N LEU A 7 -10.00 -10.59 11.96
CA LEU A 7 -9.05 -9.75 11.24
C LEU A 7 -7.85 -9.32 12.07
N ILE A 8 -6.69 -9.28 11.43
CA ILE A 8 -5.47 -8.79 12.06
C ILE A 8 -5.01 -7.59 11.27
N ILE A 9 -5.27 -6.40 11.81
CA ILE A 9 -4.84 -5.14 11.16
C ILE A 9 -3.33 -4.87 11.23
N GLY A 10 -2.83 -4.07 10.31
CA GLY A 10 -1.42 -3.70 10.27
C GLY A 10 -1.27 -2.25 10.68
N ILE A 11 -0.46 -2.00 11.71
CA ILE A 11 -0.24 -0.65 12.20
C ILE A 11 1.24 -0.23 12.11
N ASP A 12 1.50 0.83 11.35
CA ASP A 12 2.75 1.58 11.48
C ASP A 12 2.57 2.69 12.52
N LEU A 13 3.15 2.47 13.71
CA LEU A 13 3.12 3.45 14.78
C LEU A 13 4.43 4.24 14.71
N GLY A 14 4.37 5.35 13.98
CA GLY A 14 5.56 6.15 13.68
C GLY A 14 5.81 7.28 14.63
N THR A 15 7.05 7.78 14.61
CA THR A 15 7.48 8.90 15.43
C THR A 15 6.59 10.13 15.15
N THR A 16 6.46 10.49 13.88
CA THR A 16 5.74 11.70 13.44
C THR A 16 4.36 11.41 12.87
N ASN A 17 4.22 10.36 12.03
CA ASN A 17 2.88 9.90 11.59
C ASN A 17 2.66 8.40 11.69
N SER A 18 1.39 8.06 11.93
CA SER A 18 0.91 6.68 11.96
C SER A 18 -0.05 6.33 10.80
N CYS A 19 -0.03 5.06 10.43
CA CYS A 19 -0.82 4.56 9.31
C CYS A 19 -1.36 3.17 9.63
N VAL A 20 -2.60 2.90 9.23
CA VAL A 20 -3.29 1.64 9.54
C VAL A 20 -3.79 0.99 8.25
N SER A 21 -3.55 -0.32 8.12
CA SER A 21 -3.90 -1.05 6.91
C SER A 21 -4.40 -2.44 7.22
N VAL A 22 -5.23 -2.97 6.34
CA VAL A 22 -5.88 -4.25 6.57
C VAL A 22 -6.03 -4.98 5.25
N MET A 23 -6.01 -6.31 5.29
CA MET A 23 -6.25 -7.12 4.09
C MET A 23 -7.74 -7.16 3.76
N GLU A 24 -8.10 -6.77 2.54
CA GLU A 24 -9.48 -6.85 2.05
C GLU A 24 -9.49 -7.58 0.71
N GLY A 25 -10.20 -8.71 0.67
CA GLY A 25 -10.26 -9.56 -0.52
C GLY A 25 -8.90 -9.86 -1.14
N GLY A 26 -7.92 -10.20 -0.30
CA GLY A 26 -6.59 -10.57 -0.77
C GLY A 26 -5.66 -9.46 -1.21
N ARG A 27 -5.97 -8.20 -0.84
CA ARG A 27 -5.09 -7.05 -1.08
C ARG A 27 -4.97 -6.23 0.18
N PRO A 28 -3.79 -5.61 0.40
CA PRO A 28 -3.70 -4.61 1.45
C PRO A 28 -4.42 -3.33 1.01
N VAL A 29 -5.07 -2.69 1.98
CA VAL A 29 -5.82 -1.46 1.78
C VAL A 29 -5.45 -0.53 2.93
N VAL A 30 -5.08 0.70 2.61
CA VAL A 30 -4.77 1.67 3.65
C VAL A 30 -6.05 2.35 4.04
N LEU A 31 -6.29 2.47 5.34
CA LEU A 31 -7.53 3.09 5.83
C LEU A 31 -7.29 4.55 6.17
N GLU A 32 -8.27 5.38 5.83
CA GLU A 32 -8.14 6.80 5.99
C GLU A 32 -8.94 7.25 7.20
N ASN A 33 -8.41 8.24 7.91
CA ASN A 33 -9.02 8.71 9.17
C ASN A 33 -10.31 9.48 8.85
N PRO A 34 -10.99 10.02 9.89
CA PRO A 34 -12.16 10.86 9.62
C PRO A 34 -11.93 12.16 8.82
N GLU A 35 -10.73 12.71 8.83
CA GLU A 35 -10.37 13.85 7.96
C GLU A 35 -9.89 13.39 6.59
N GLY A 36 -10.19 12.14 6.21
CA GLY A 36 -9.90 11.60 4.88
C GLY A 36 -8.44 11.40 4.52
N LYS A 37 -7.57 11.36 5.53
CA LYS A 37 -6.14 11.27 5.31
C LYS A 37 -5.66 9.84 5.59
N ARG A 38 -4.69 9.39 4.79
CA ARG A 38 -4.21 8.01 4.85
C ARG A 38 -3.15 7.77 5.92
N THR A 39 -2.67 8.87 6.48
CA THR A 39 -1.79 8.86 7.62
C THR A 39 -2.29 9.91 8.61
N THR A 40 -1.83 9.75 9.86
CA THR A 40 -2.35 10.45 11.02
C THR A 40 -1.17 10.87 11.87
N PRO A 41 -1.06 12.17 12.22
CA PRO A 41 -0.01 12.65 13.16
C PRO A 41 0.06 11.91 14.50
N SER A 42 1.23 11.39 14.85
CA SER A 42 1.44 10.69 16.12
C SER A 42 1.56 11.74 17.22
N ILE A 43 0.44 12.38 17.52
CA ILE A 43 0.43 13.56 18.38
C ILE A 43 -0.85 13.52 19.22
N VAL A 44 -0.68 13.79 20.51
CA VAL A 44 -1.77 13.78 21.48
C VAL A 44 -1.76 15.11 22.25
N SER A 45 -2.94 15.63 22.53
CA SER A 45 -3.13 16.90 23.18
C SER A 45 -4.23 16.75 24.20
N TYR A 46 -4.21 17.63 25.19
CA TYR A 46 -5.19 17.63 26.28
C TYR A 46 -5.71 19.03 26.44
N LYS A 47 -7.03 19.15 26.50
CA LYS A 47 -7.69 20.43 26.61
C LYS A 47 -9.11 20.13 27.05
N ASN A 48 -9.55 20.80 28.11
CA ASN A 48 -10.88 20.61 28.69
C ASN A 48 -11.20 19.16 29.11
N ASN A 49 -10.18 18.46 29.59
CA ASN A 49 -10.27 17.03 29.92
C ASN A 49 -10.77 16.20 28.75
N GLU A 50 -10.26 16.54 27.57
CA GLU A 50 -10.56 15.85 26.35
C GLU A 50 -9.23 15.57 25.63
N ILE A 51 -9.05 14.31 25.24
CA ILE A 51 -7.85 13.85 24.56
C ILE A 51 -8.07 14.07 23.07
N ILE A 52 -7.07 14.65 22.41
CA ILE A 52 -7.16 15.01 21.00
C ILE A 52 -6.02 14.26 20.34
N VAL A 53 -6.28 13.58 19.23
CA VAL A 53 -5.27 12.77 18.55
C VAL A 53 -5.22 13.15 17.07
N GLY A 54 -4.00 13.23 16.52
CA GLY A 54 -3.80 13.44 15.11
C GLY A 54 -3.77 14.89 14.67
N ASP A 55 -4.44 15.20 13.57
CA ASP A 55 -4.34 16.49 12.88
C ASP A 55 -4.75 17.64 13.83
N ALA A 56 -5.87 17.47 14.52
CA ALA A 56 -6.35 18.43 15.48
C ALA A 56 -5.36 18.70 16.62
N ALA A 57 -4.57 17.71 17.00
CA ALA A 57 -3.51 17.93 18.02
C ALA A 57 -2.30 18.63 17.39
N LYS A 58 -1.95 18.24 16.17
CA LYS A 58 -0.87 18.90 15.42
C LYS A 58 -1.17 20.39 15.20
N ARG A 59 -2.44 20.70 15.00
CA ARG A 59 -2.87 22.09 14.76
C ARG A 59 -2.74 23.00 15.99
N GLN A 60 -2.42 22.42 17.16
CA GLN A 60 -2.20 23.19 18.36
C GLN A 60 -0.93 22.74 19.08
N MET A 61 0.07 22.28 18.32
CA MET A 61 1.24 21.67 18.94
C MET A 61 2.14 22.71 19.61
N VAL A 62 2.20 23.91 19.05
CA VAL A 62 2.98 25.00 19.62
C VAL A 62 2.13 25.85 20.58
N THR A 63 0.90 26.17 20.17
CA THR A 63 -0.02 26.98 21.00
C THR A 63 -0.41 26.28 22.32
N ASN A 64 -0.82 25.01 22.26
CA ASN A 64 -1.19 24.27 23.48
C ASN A 64 0.06 23.65 24.09
N PRO A 65 0.46 24.09 25.31
CA PRO A 65 1.59 23.44 26.00
C PRO A 65 1.40 21.95 26.35
N ASN A 66 0.14 21.49 26.43
CA ASN A 66 -0.17 20.11 26.76
C ASN A 66 0.18 19.12 25.67
N THR A 67 0.35 19.57 24.44
CA THR A 67 0.56 18.67 23.32
C THR A 67 1.83 17.82 23.49
N ILE A 68 1.71 16.51 23.23
CA ILE A 68 2.81 15.55 23.31
C ILE A 68 3.21 15.12 21.91
N VAL A 69 4.44 15.48 21.54
CA VAL A 69 5.04 15.18 20.25
C VAL A 69 6.12 14.12 20.42
N SER A 70 6.29 13.28 19.40
CA SER A 70 7.40 12.32 19.32
C SER A 70 7.54 11.46 20.58
N ILE A 71 6.39 10.99 21.08
CA ILE A 71 6.37 10.10 22.23
C ILE A 71 7.22 8.84 21.99
N LYS A 72 7.21 8.30 20.76
CA LYS A 72 8.03 7.13 20.37
C LYS A 72 9.47 7.18 20.88
N ARG A 73 10.08 8.37 20.91
CA ARG A 73 11.43 8.54 21.49
C ARG A 73 11.58 8.07 22.95
N LEU A 74 10.52 8.20 23.76
CA LEU A 74 10.56 7.77 25.16
C LEU A 74 10.08 6.33 25.36
N MET A 75 9.87 5.58 24.28
CA MET A 75 9.37 4.19 24.42
C MET A 75 10.48 3.27 24.94
N GLY A 76 10.12 2.35 25.82
CA GLY A 76 11.09 1.53 26.54
C GLY A 76 11.59 2.18 27.83
N THR A 77 11.73 3.51 27.84
CA THR A 77 12.22 4.23 29.01
C THR A 77 11.15 4.36 30.07
N SER A 78 11.58 4.74 31.26
CA SER A 78 10.70 4.94 32.40
C SER A 78 10.25 6.40 32.54
N ASN A 79 10.51 7.22 31.51
CA ASN A 79 10.17 8.65 31.55
C ASN A 79 8.66 8.88 31.65
N LYS A 80 8.32 10.11 32.02
CA LYS A 80 6.94 10.52 32.19
C LYS A 80 6.72 11.83 31.46
N VAL A 81 5.47 12.09 31.15
CA VAL A 81 5.08 13.36 30.56
C VAL A 81 3.98 13.92 31.45
N LYS A 82 4.14 15.18 31.83
CA LYS A 82 3.18 15.87 32.67
C LYS A 82 2.33 16.78 31.81
N VAL A 83 1.03 16.78 32.09
CA VAL A 83 0.07 17.63 31.42
C VAL A 83 -0.92 18.21 32.44
N GLN A 84 -1.34 19.45 32.19
CA GLN A 84 -2.30 20.12 33.06
C GLN A 84 -3.68 19.58 32.83
N ASN A 85 -4.42 19.33 33.89
CA ASN A 85 -5.86 19.06 33.81
C ASN A 85 -6.58 20.41 33.80
N ALA A 86 -7.90 20.37 33.57
CA ALA A 86 -8.70 21.59 33.50
C ALA A 86 -8.56 22.43 34.76
N ASP A 87 -8.57 21.76 35.91
CA ASP A 87 -8.51 22.45 37.21
C ASP A 87 -7.14 22.96 37.68
N GLY A 88 -6.10 22.89 36.84
CA GLY A 88 -4.77 23.31 37.25
C GLY A 88 -3.86 22.22 37.82
N THR A 89 -4.42 21.11 38.31
CA THR A 89 -3.62 19.95 38.77
C THR A 89 -2.88 19.27 37.61
N THR A 90 -1.97 18.37 37.94
CA THR A 90 -1.07 17.75 36.97
C THR A 90 -1.28 16.25 36.92
N LYS A 91 -1.55 15.74 35.71
CA LYS A 91 -1.66 14.31 35.49
C LYS A 91 -0.33 13.84 34.89
N GLU A 92 0.09 12.63 35.25
CA GLU A 92 1.35 12.07 34.75
C GLU A 92 1.11 10.80 33.93
N LEU A 93 1.74 10.74 32.75
CA LEU A 93 1.45 9.72 31.74
C LEU A 93 2.70 9.02 31.25
N SER A 94 2.64 7.68 31.17
CA SER A 94 3.73 6.89 30.59
C SER A 94 3.65 6.89 29.06
N PRO A 95 4.81 6.74 28.38
CA PRO A 95 4.81 6.59 26.92
C PRO A 95 3.94 5.43 26.36
N GLU A 96 3.68 4.40 27.18
CA GLU A 96 2.75 3.33 26.80
C GLU A 96 1.32 3.86 26.71
N GLN A 97 0.92 4.68 27.67
CA GLN A 97 -0.42 5.23 27.69
C GLN A 97 -0.68 6.21 26.54
N VAL A 98 0.30 7.05 26.21
CA VAL A 98 0.12 8.08 25.21
C VAL A 98 0.02 7.41 23.85
N SER A 99 0.89 6.43 23.63
CA SER A 99 0.88 5.64 22.40
C SER A 99 -0.42 4.83 22.29
N ALA A 100 -0.86 4.27 23.41
CA ALA A 100 -2.17 3.61 23.46
C ALA A 100 -3.34 4.52 23.07
N GLN A 101 -3.26 5.83 23.34
CA GLN A 101 -4.30 6.76 22.86
C GLN A 101 -4.29 6.92 21.32
N ILE A 102 -3.09 6.93 20.75
CA ILE A 102 -2.90 6.98 19.29
C ILE A 102 -3.37 5.67 18.64
N LEU A 103 -3.02 4.54 19.24
CA LEU A 103 -3.48 3.24 18.75
C LEU A 103 -4.98 3.04 18.91
N SER A 104 -5.55 3.50 20.03
CA SER A 104 -7.00 3.47 20.22
C SER A 104 -7.73 4.25 19.12
N TYR A 105 -7.15 5.38 18.72
CA TYR A 105 -7.75 6.26 17.72
C TYR A 105 -7.75 5.57 16.37
N LEU A 106 -6.62 5.00 15.99
CA LEU A 106 -6.47 4.27 14.73
C LEU A 106 -7.42 3.08 14.69
N LYS A 107 -7.40 2.31 15.78
CA LYS A 107 -8.32 1.18 15.99
C LYS A 107 -9.80 1.60 15.92
N ASP A 108 -10.14 2.75 16.49
CA ASP A 108 -11.51 3.22 16.49
C ASP A 108 -12.02 3.45 15.09
N PHE A 109 -11.32 4.27 14.32
CA PHE A 109 -11.83 4.65 13.01
C PHE A 109 -11.77 3.54 11.99
N ALA A 110 -10.91 2.56 12.24
CA ALA A 110 -10.80 1.34 11.43
C ALA A 110 -12.02 0.44 11.60
N GLU A 111 -12.52 0.33 12.82
CA GLU A 111 -13.76 -0.42 13.09
C GLU A 111 -14.94 0.22 12.39
N LYS A 112 -15.03 1.54 12.46
CA LYS A 112 -16.08 2.29 11.77
C LYS A 112 -16.01 2.14 10.25
N LYS A 113 -14.80 2.06 9.68
CA LYS A 113 -14.62 1.88 8.23
C LYS A 113 -14.90 0.45 7.82
N ILE A 114 -14.29 -0.49 8.53
CA ILE A 114 -14.50 -1.93 8.30
C ILE A 114 -15.93 -2.37 8.66
N GLY A 115 -16.52 -1.73 9.64
CA GLY A 115 -17.83 -2.14 10.14
C GLY A 115 -17.82 -3.38 11.00
N LYS A 116 -16.65 -3.78 11.50
CA LYS A 116 -16.52 -4.86 12.49
C LYS A 116 -15.66 -4.41 13.63
N LYS A 117 -15.74 -5.10 14.77
CA LYS A 117 -14.82 -4.86 15.89
C LYS A 117 -13.49 -5.52 15.59
N ILE A 118 -12.41 -4.83 15.95
CA ILE A 118 -11.04 -5.24 15.66
C ILE A 118 -10.36 -5.45 17.01
N SER A 119 -9.67 -6.58 17.19
CA SER A 119 -9.00 -6.89 18.45
C SER A 119 -7.64 -7.61 18.31
N ARG A 120 -7.03 -7.54 17.12
CA ARG A 120 -5.75 -8.20 16.86
C ARG A 120 -4.95 -7.30 15.94
N ALA A 121 -3.64 -7.28 16.09
CA ALA A 121 -2.83 -6.45 15.19
C ALA A 121 -1.39 -6.87 15.15
N VAL A 122 -0.73 -6.47 14.07
CA VAL A 122 0.71 -6.48 13.95
C VAL A 122 1.13 -5.01 14.05
N ILE A 123 2.10 -4.74 14.90
CA ILE A 123 2.67 -3.42 15.05
C ILE A 123 4.15 -3.49 14.69
N THR A 124 4.59 -2.50 13.92
CA THR A 124 5.97 -2.43 13.45
C THR A 124 6.83 -1.63 14.41
N VAL A 125 8.15 -1.83 14.37
CA VAL A 125 9.07 -1.05 15.18
C VAL A 125 10.36 -0.80 14.40
N PRO A 126 11.19 0.15 14.85
CA PRO A 126 12.53 0.26 14.26
C PRO A 126 13.34 -1.01 14.48
N ALA A 127 14.23 -1.34 13.54
CA ALA A 127 15.04 -2.55 13.66
C ALA A 127 15.90 -2.51 14.92
N TYR A 128 16.50 -1.34 15.22
CA TYR A 128 17.34 -1.18 16.43
C TYR A 128 16.66 -1.44 17.77
N PHE A 129 15.34 -1.26 17.85
CA PHE A 129 14.59 -1.49 19.10
C PHE A 129 14.96 -2.76 19.89
N ASN A 130 15.17 -2.59 21.19
CA ASN A 130 15.41 -3.69 22.14
C ASN A 130 14.08 -4.24 22.72
N ASP A 131 14.16 -5.14 23.70
CA ASP A 131 12.97 -5.85 24.21
C ASP A 131 12.06 -4.95 25.09
N ALA A 132 12.64 -3.98 25.80
CA ALA A 132 11.82 -3.04 26.59
C ALA A 132 11.10 -2.09 25.66
N GLU A 133 11.85 -1.53 24.72
CA GLU A 133 11.26 -0.74 23.62
C GLU A 133 10.12 -1.50 22.90
N ARG A 134 10.31 -2.79 22.65
CA ARG A 134 9.26 -3.62 22.02
C ARG A 134 8.12 -4.03 22.97
N ASN A 135 8.43 -4.19 24.26
CA ASN A 135 7.39 -4.52 25.26
C ASN A 135 6.54 -3.31 25.65
N ALA A 136 7.12 -2.12 25.60
CA ALA A 136 6.33 -0.89 25.74
C ALA A 136 5.37 -0.72 24.57
N THR A 137 5.86 -1.01 23.36
CA THR A 137 5.04 -0.98 22.15
C THR A 137 3.93 -2.03 22.20
N LYS A 138 4.26 -3.20 22.73
CA LYS A 138 3.29 -4.29 22.89
C LYS A 138 2.27 -3.96 23.98
N THR A 139 2.69 -3.21 24.99
CA THR A 139 1.86 -2.79 26.12
C THR A 139 0.91 -1.66 25.72
N ALA A 140 1.42 -0.71 24.96
CA ALA A 140 0.55 0.23 24.26
C ALA A 140 -0.61 -0.52 23.59
N GLY A 141 -0.29 -1.53 22.79
CA GLY A 141 -1.28 -2.38 22.11
C GLY A 141 -2.31 -3.03 23.02
N LYS A 142 -1.86 -3.55 24.16
CA LYS A 142 -2.73 -4.18 25.13
C LYS A 142 -3.68 -3.18 25.79
N ILE A 143 -3.15 -2.01 26.18
CA ILE A 143 -3.98 -0.94 26.74
C ILE A 143 -5.08 -0.53 25.76
N ALA A 144 -4.76 -0.51 24.46
CA ALA A 144 -5.74 -0.21 23.40
C ALA A 144 -6.65 -1.38 22.96
N GLY A 145 -6.64 -2.50 23.69
CA GLY A 145 -7.56 -3.60 23.43
C GLY A 145 -7.20 -4.44 22.23
N LEU A 146 -5.93 -4.44 21.85
CA LEU A 146 -5.43 -5.16 20.69
C LEU A 146 -4.49 -6.26 21.19
N ASN A 147 -4.80 -7.50 20.82
CA ASN A 147 -3.87 -8.60 21.00
C ASN A 147 -2.79 -8.43 19.94
N VAL A 148 -1.58 -8.09 20.38
CA VAL A 148 -0.49 -7.82 19.46
C VAL A 148 0.11 -9.17 19.06
N GLU A 149 -0.22 -9.61 17.85
CA GLU A 149 0.07 -10.99 17.42
C GLU A 149 1.53 -11.16 17.04
N ARG A 150 2.13 -10.10 16.52
CA ARG A 150 3.56 -10.03 16.33
C ARG A 150 4.05 -8.60 16.24
N ILE A 151 5.29 -8.38 16.68
CA ILE A 151 6.01 -7.13 16.49
C ILE A 151 7.03 -7.40 15.40
N ILE A 152 7.01 -6.58 14.34
CA ILE A 152 8.00 -6.73 13.29
C ILE A 152 8.78 -5.44 13.02
N ASN A 153 9.95 -5.60 12.40
CA ASN A 153 10.81 -4.49 12.01
C ASN A 153 10.22 -3.72 10.85
N GLU A 154 10.32 -2.39 10.91
CA GLU A 154 9.91 -1.47 9.86
C GLU A 154 10.47 -1.85 8.47
N PRO A 155 11.78 -2.16 8.38
CA PRO A 155 12.31 -2.56 7.07
C PRO A 155 11.89 -3.99 6.64
N THR A 156 11.65 -4.88 7.59
CA THR A 156 11.02 -6.17 7.27
C THR A 156 9.60 -5.99 6.73
N ALA A 157 8.86 -5.06 7.32
CA ALA A 157 7.53 -4.72 6.81
C ALA A 157 7.61 -4.21 5.35
N ALA A 158 8.58 -3.31 5.12
CA ALA A 158 8.82 -2.76 3.79
C ALA A 158 9.10 -3.85 2.77
N ALA A 159 9.87 -4.85 3.17
CA ALA A 159 10.16 -5.98 2.26
C ALA A 159 8.94 -6.86 1.97
N LEU A 160 8.04 -7.03 2.93
CA LEU A 160 6.82 -7.79 2.69
C LEU A 160 5.89 -7.09 1.71
N ALA A 161 5.80 -5.76 1.80
CA ALA A 161 5.00 -4.99 0.87
C ALA A 161 5.49 -5.13 -0.57
N TYR A 162 6.81 -5.26 -0.74
CA TYR A 162 7.45 -5.46 -2.05
C TYR A 162 7.60 -6.95 -2.46
N GLY A 163 6.91 -7.86 -1.79
CA GLY A 163 6.95 -9.29 -2.10
C GLY A 163 8.32 -9.93 -2.21
N ILE A 164 9.28 -9.46 -1.42
CA ILE A 164 10.66 -9.95 -1.49
C ILE A 164 10.81 -11.32 -0.80
N ASP A 165 9.88 -11.67 0.08
CA ASP A 165 9.79 -13.06 0.57
C ASP A 165 9.50 -14.10 -0.52
N LYS A 166 8.92 -13.66 -1.64
CA LYS A 166 8.54 -14.53 -2.75
C LYS A 166 9.65 -14.74 -3.78
N ALA A 167 10.81 -14.11 -3.60
CA ALA A 167 11.88 -14.17 -4.60
C ALA A 167 12.48 -15.55 -4.86
N SER A 168 12.36 -16.48 -3.91
CA SER A 168 12.99 -17.82 -3.99
C SER A 168 14.46 -17.75 -4.36
N ARG A 169 15.17 -16.88 -3.65
CA ARG A 169 16.62 -16.75 -3.74
C ARG A 169 17.11 -15.81 -2.65
N GLU A 170 18.36 -15.97 -2.26
CA GLU A 170 18.96 -15.02 -1.33
C GLU A 170 18.92 -13.61 -1.91
N MET A 171 18.50 -12.66 -1.07
CA MET A 171 18.34 -11.26 -1.45
C MET A 171 19.01 -10.38 -0.39
N LYS A 172 19.93 -9.54 -0.86
CA LYS A 172 20.51 -8.46 -0.06
C LYS A 172 19.73 -7.16 -0.37
N VAL A 173 19.09 -6.60 0.64
CA VAL A 173 18.17 -5.47 0.46
C VAL A 173 18.56 -4.30 1.35
N LEU A 174 18.78 -3.13 0.74
CA LEU A 174 19.14 -1.93 1.47
C LEU A 174 17.87 -1.12 1.65
N VAL A 175 17.50 -0.81 2.88
CA VAL A 175 16.29 -0.05 3.17
C VAL A 175 16.67 1.29 3.77
N TYR A 176 16.33 2.37 3.07
CA TYR A 176 16.66 3.73 3.47
C TYR A 176 15.38 4.39 3.96
N ASP A 177 15.31 4.61 5.27
CA ASP A 177 14.12 5.18 5.91
C ASP A 177 14.42 6.60 6.40
N LEU A 178 13.87 7.61 5.73
CA LEU A 178 13.92 8.99 6.23
C LEU A 178 12.49 9.49 6.54
N GLY A 179 12.17 9.52 7.83
CA GLY A 179 10.85 9.95 8.29
C GLY A 179 10.85 11.42 8.67
N GLY A 180 9.84 11.80 9.46
CA GLY A 180 9.67 13.16 9.93
C GLY A 180 10.61 13.49 11.07
N GLY A 181 10.83 12.52 11.97
CA GLY A 181 11.74 12.66 13.09
C GLY A 181 13.03 11.85 12.99
N THR A 182 13.01 10.74 12.25
CA THR A 182 14.06 9.70 12.35
C THR A 182 14.60 9.27 10.99
N PHE A 183 15.87 8.92 10.97
CA PHE A 183 16.55 8.36 9.84
C PHE A 183 17.06 6.98 10.22
N ASP A 184 16.85 6.00 9.36
CA ASP A 184 17.42 4.66 9.52
C ASP A 184 17.79 4.12 8.15
N VAL A 185 18.97 3.51 8.06
CA VAL A 185 19.35 2.70 6.91
C VAL A 185 19.70 1.31 7.45
N SER A 186 19.10 0.28 6.87
CA SER A 186 19.25 -1.13 7.31
C SER A 186 19.61 -2.01 6.14
N LEU A 187 20.36 -3.06 6.41
CA LEU A 187 20.72 -4.04 5.38
C LEU A 187 20.02 -5.33 5.77
N LEU A 188 19.12 -5.82 4.93
CA LEU A 188 18.46 -7.11 5.19
C LEU A 188 19.02 -8.20 4.31
N ASP A 189 19.18 -9.39 4.91
CA ASP A 189 19.35 -10.64 4.18
C ASP A 189 18.04 -11.41 4.28
N ILE A 190 17.47 -11.74 3.13
CA ILE A 190 16.20 -12.44 3.08
C ILE A 190 16.43 -13.71 2.30
N ALA A 191 16.35 -14.84 3.00
CA ALA A 191 16.65 -16.14 2.41
C ALA A 191 15.69 -17.17 2.98
N GLU A 192 14.92 -17.80 2.08
CA GLU A 192 13.97 -18.85 2.45
C GLU A 192 12.99 -18.38 3.54
N GLY A 193 12.44 -17.17 3.37
CA GLY A 193 11.47 -16.63 4.30
C GLY A 193 11.99 -16.07 5.61
N THR A 194 13.27 -16.26 5.91
CA THR A 194 13.86 -15.70 7.13
C THR A 194 14.41 -14.32 6.81
N PHE A 195 14.06 -13.36 7.66
CA PHE A 195 14.53 -11.99 7.54
C PHE A 195 15.58 -11.75 8.62
N GLU A 196 16.81 -11.44 8.22
CA GLU A 196 17.91 -11.17 9.13
C GLU A 196 18.38 -9.73 8.88
N VAL A 197 18.31 -8.89 9.90
CA VAL A 197 18.87 -7.56 9.82
C VAL A 197 20.37 -7.71 10.00
N LEU A 198 21.10 -7.79 8.90
CA LEU A 198 22.57 -7.86 8.98
C LEU A 198 23.18 -6.66 9.72
N ALA A 199 22.64 -5.48 9.48
CA ALA A 199 23.23 -4.26 10.03
C ALA A 199 22.24 -3.11 9.94
N THR A 200 22.28 -2.25 10.96
CA THR A 200 21.44 -1.06 11.04
C THR A 200 22.26 0.10 11.59
N ALA A 201 21.98 1.29 11.09
CA ALA A 201 22.68 2.51 11.47
C ALA A 201 21.80 3.69 11.12
N GLY A 202 21.86 4.75 11.93
CA GLY A 202 21.12 5.98 11.64
C GLY A 202 20.98 6.91 12.83
N ASP A 203 20.10 7.89 12.66
CA ASP A 203 19.97 8.99 13.58
C ASP A 203 18.48 9.20 13.92
N ASN A 204 18.12 9.01 15.19
CA ASN A 204 16.73 9.22 15.60
C ASN A 204 16.42 10.68 15.99
N ARG A 205 17.33 11.62 15.73
CA ARG A 205 17.02 13.05 15.89
C ARG A 205 17.25 13.84 14.58
N LEU A 206 16.93 13.20 13.46
CA LEU A 206 17.19 13.71 12.13
C LEU A 206 16.06 13.27 11.26
N GLY A 207 15.37 14.21 10.65
CA GLY A 207 14.21 13.90 9.82
C GLY A 207 13.65 15.15 9.18
N GLY A 208 12.64 14.97 8.34
CA GLY A 208 11.98 16.07 7.62
C GLY A 208 11.67 17.31 8.44
N ASP A 209 11.50 17.16 9.76
CA ASP A 209 11.32 18.31 10.67
C ASP A 209 12.52 19.23 10.66
N ASP A 210 13.71 18.66 10.56
CA ASP A 210 14.93 19.44 10.53
C ASP A 210 15.06 20.20 9.24
N TRP A 211 14.55 19.61 8.15
CA TRP A 211 14.45 20.28 6.83
C TRP A 211 13.53 21.51 6.88
N ASP A 212 12.34 21.34 7.47
CA ASP A 212 11.44 22.47 7.74
C ASP A 212 12.08 23.61 8.53
N ASN A 213 12.78 23.27 9.61
CA ASN A 213 13.42 24.26 10.48
C ASN A 213 14.33 25.19 9.69
N LYS A 214 15.09 24.65 8.73
CA LYS A 214 15.93 25.48 7.87
C LYS A 214 15.09 26.50 7.09
N ILE A 215 13.88 26.10 6.70
CA ILE A 215 12.93 27.03 6.11
C ILE A 215 12.44 28.06 7.16
N ILE A 216 12.31 27.64 8.42
CA ILE A 216 11.89 28.60 9.46
C ILE A 216 13.00 29.61 9.71
N GLU A 217 14.24 29.14 9.69
CA GLU A 217 15.40 30.03 9.76
C GLU A 217 15.40 31.01 8.58
N TYR A 218 15.20 30.50 7.38
CA TYR A 218 15.06 31.35 6.17
C TYR A 218 13.99 32.44 6.25
N ILE A 219 12.79 32.07 6.72
CA ILE A 219 11.68 33.00 6.86
C ILE A 219 11.97 34.02 7.95
N SER A 220 12.49 33.55 9.09
CA SER A 220 12.98 34.40 10.18
C SER A 220 14.03 35.43 9.74
N ALA A 221 15.11 34.97 9.11
CA ALA A 221 16.16 35.86 8.62
C ALA A 221 15.56 36.93 7.71
N TYR A 222 14.65 36.51 6.82
CA TYR A 222 14.00 37.44 5.91
C TYR A 222 13.17 38.48 6.66
N ILE A 223 12.37 38.04 7.63
CA ILE A 223 11.58 38.99 8.44
C ILE A 223 12.46 40.03 9.14
N ALA A 224 13.57 39.59 9.74
CA ALA A 224 14.48 40.49 10.45
C ALA A 224 15.11 41.48 9.48
N LYS A 225 15.48 40.99 8.31
CA LYS A 225 16.00 41.85 7.24
C LYS A 225 14.97 42.90 6.82
N GLU A 226 13.73 42.49 6.68
CA GLU A 226 12.66 43.37 6.18
C GLU A 226 12.05 44.25 7.22
N HIS A 227 12.17 43.91 8.51
CA HIS A 227 11.45 44.65 9.55
C HIS A 227 12.33 44.91 10.77
N GLN A 228 13.51 45.48 10.50
CA GLN A 228 14.43 46.03 11.52
C GLN A 228 14.68 45.12 12.75
N GLY A 229 14.82 43.82 12.48
CA GLY A 229 15.10 42.82 13.50
C GLY A 229 13.88 42.26 14.19
N LEU A 230 12.72 42.34 13.53
CA LEU A 230 11.48 41.78 14.07
C LEU A 230 11.65 40.27 14.37
N ASN A 231 11.49 39.89 15.62
CA ASN A 231 11.63 38.50 16.03
C ASN A 231 10.35 37.94 16.67
N LEU A 232 9.83 36.87 16.07
CA LEU A 232 8.57 36.23 16.54
C LEU A 232 8.80 34.87 17.21
N SER A 233 10.02 34.60 17.66
CA SER A 233 10.37 33.29 18.28
C SER A 233 9.47 32.97 19.46
N LYS A 234 9.19 33.98 20.28
CA LYS A 234 8.44 33.78 21.50
C LYS A 234 6.92 33.88 21.30
N ASP A 235 6.45 34.20 20.10
CA ASP A 235 5.01 34.23 19.81
C ASP A 235 4.51 32.86 19.33
N LYS A 236 3.64 32.23 20.11
CA LYS A 236 3.20 30.87 19.82
C LYS A 236 2.33 30.76 18.55
N MET A 237 1.41 31.69 18.37
CA MET A 237 0.57 31.69 17.18
C MET A 237 1.39 31.92 15.90
N ALA A 238 2.38 32.80 15.97
CA ALA A 238 3.27 33.07 14.83
C ALA A 238 4.07 31.85 14.46
N MET A 239 4.71 31.26 15.47
CA MET A 239 5.54 30.07 15.28
C MET A 239 4.77 28.84 14.79
N GLN A 240 3.54 28.68 15.24
CA GLN A 240 2.62 27.67 14.76
C GLN A 240 2.42 27.84 13.25
N ARG A 241 2.17 29.08 12.82
CA ARG A 241 1.96 29.36 11.39
C ARG A 241 3.21 29.16 10.51
N LEU A 242 4.37 29.51 11.05
CA LEU A 242 5.63 29.33 10.31
C LEU A 242 5.94 27.86 10.11
N LYS A 243 5.75 27.07 11.17
CA LYS A 243 6.01 25.64 11.09
C LYS A 243 5.14 25.02 10.01
N GLU A 244 3.88 25.41 9.96
CA GLU A 244 2.97 24.88 8.95
C GLU A 244 3.33 25.34 7.53
N ALA A 245 3.71 26.61 7.39
CA ALA A 245 4.10 27.17 6.09
C ALA A 245 5.40 26.57 5.56
N ALA A 246 6.28 26.25 6.50
CA ALA A 246 7.56 25.62 6.21
C ALA A 246 7.37 24.23 5.59
N GLU A 247 6.42 23.47 6.15
CA GLU A 247 6.16 22.12 5.68
C GLU A 247 5.41 22.13 4.36
N ARG A 248 4.49 23.07 4.19
CA ARG A 248 3.81 23.24 2.89
C ARG A 248 4.83 23.59 1.83
N ALA A 249 5.74 24.52 2.13
CA ALA A 249 6.79 24.94 1.18
C ALA A 249 7.67 23.77 0.79
N LYS A 250 8.19 23.04 1.78
CA LYS A 250 9.02 21.88 1.54
C LYS A 250 8.41 20.86 0.58
N ILE A 251 7.15 20.51 0.83
CA ILE A 251 6.42 19.52 0.05
C ILE A 251 6.24 19.96 -1.39
N GLU A 252 5.90 21.23 -1.59
CA GLU A 252 5.78 21.80 -2.92
C GLU A 252 7.12 21.81 -3.69
N LEU A 253 8.25 21.88 -2.99
CA LEU A 253 9.55 21.87 -3.67
C LEU A 253 10.01 20.46 -4.07
N SER A 254 9.22 19.45 -3.74
CA SER A 254 9.42 18.12 -4.30
C SER A 254 8.77 17.92 -5.68
N ALA A 255 7.97 18.88 -6.13
CA ALA A 255 7.37 18.88 -7.49
C ALA A 255 7.48 20.21 -8.24
N GLN A 256 8.01 21.25 -7.59
CA GLN A 256 8.18 22.57 -8.20
C GLN A 256 9.62 22.98 -8.00
N LEU A 257 10.13 23.83 -8.87
CA LEU A 257 11.49 24.37 -8.69
C LEU A 257 11.50 25.61 -7.81
N GLU A 258 10.31 26.14 -7.51
CA GLU A 258 10.16 27.16 -6.49
C GLU A 258 8.75 27.19 -5.94
N THR A 259 8.60 27.98 -4.87
CA THR A 259 7.35 28.11 -4.15
C THR A 259 7.29 29.50 -3.49
N ILE A 260 6.09 29.86 -3.04
CA ILE A 260 5.86 31.12 -2.36
C ILE A 260 5.39 30.82 -0.96
N ILE A 261 6.15 31.25 0.03
CA ILE A 261 5.72 31.18 1.42
C ILE A 261 4.92 32.45 1.68
N SER A 262 3.62 32.27 1.91
CA SER A 262 2.65 33.36 2.03
C SER A 262 2.04 33.44 3.42
N LEU A 263 2.45 34.45 4.19
CA LEU A 263 1.98 34.65 5.56
C LEU A 263 1.49 36.08 5.80
N PRO A 264 0.23 36.39 5.41
CA PRO A 264 -0.36 37.70 5.69
C PRO A 264 -0.76 37.81 7.17
N PHE A 265 -0.71 39.03 7.71
CA PHE A 265 -1.03 39.30 9.11
C PHE A 265 -0.28 38.39 10.10
N LEU A 266 1.03 38.30 9.89
CA LEU A 266 1.87 37.52 10.75
C LEU A 266 1.86 38.14 12.15
N THR A 267 2.01 39.45 12.21
CA THR A 267 1.77 40.23 13.43
C THR A 267 1.42 41.68 13.04
N VAL A 268 1.19 42.51 14.05
CA VAL A 268 0.99 43.96 13.87
C VAL A 268 1.97 44.70 14.77
N THR A 269 2.68 45.66 14.20
CA THR A 269 3.57 46.55 14.95
C THR A 269 2.99 47.97 14.94
N GLN A 270 3.66 48.91 15.60
CA GLN A 270 3.34 50.34 15.46
C GLN A 270 3.34 50.82 13.99
N LYS A 271 4.14 50.17 13.12
CA LYS A 271 4.09 50.37 11.65
C LYS A 271 2.84 49.81 10.95
N GLY A 272 2.08 48.92 11.59
CA GLY A 272 0.94 48.26 10.97
C GLY A 272 1.20 46.78 10.76
N PRO A 273 0.42 46.11 9.89
CA PRO A 273 0.49 44.65 9.76
C PRO A 273 1.70 44.19 8.96
N VAL A 274 2.33 43.11 9.41
CA VAL A 274 3.48 42.55 8.73
C VAL A 274 2.99 41.40 7.87
N ASN A 275 3.20 41.52 6.57
CA ASN A 275 2.84 40.49 5.58
C ASN A 275 4.12 39.96 4.97
N VAL A 276 4.28 38.64 4.98
CA VAL A 276 5.40 37.96 4.29
C VAL A 276 4.88 37.28 3.02
N GLU A 277 5.57 37.53 1.90
CA GLU A 277 5.35 36.83 0.64
C GLU A 277 6.71 36.48 0.02
N LEU A 278 7.23 35.33 0.42
CA LEU A 278 8.65 35.00 0.25
C LEU A 278 8.85 33.83 -0.71
N LYS A 279 9.67 34.05 -1.74
CA LYS A 279 10.06 32.99 -2.66
C LYS A 279 11.15 32.14 -2.03
N LEU A 280 11.05 30.83 -2.25
CA LEU A 280 12.12 29.91 -1.91
C LEU A 280 12.27 28.99 -3.10
N THR A 281 13.47 28.98 -3.69
CA THR A 281 13.77 28.10 -4.82
C THR A 281 14.18 26.74 -4.30
N ARG A 282 14.07 25.75 -5.15
CA ARG A 282 14.52 24.42 -4.78
C ARG A 282 16.03 24.44 -4.58
N ALA A 283 16.76 25.11 -5.47
CA ALA A 283 18.21 25.25 -5.32
C ALA A 283 18.61 25.77 -3.93
N LYS A 284 17.93 26.82 -3.49
CA LYS A 284 18.23 27.44 -2.22
C LYS A 284 17.92 26.49 -1.07
N PHE A 285 16.73 25.86 -1.11
CA PHE A 285 16.30 24.90 -0.09
C PHE A 285 17.29 23.75 0.03
N GLU A 286 17.74 23.22 -1.09
CA GLU A 286 18.79 22.19 -1.09
C GLU A 286 20.09 22.68 -0.49
N GLU A 287 20.51 23.89 -0.84
CA GLU A 287 21.68 24.49 -0.21
C GLU A 287 21.54 24.55 1.32
N LEU A 288 20.45 25.14 1.80
CA LEU A 288 20.23 25.28 3.25
C LEU A 288 20.17 23.95 4.01
N THR A 289 19.66 22.91 3.35
CA THR A 289 19.54 21.58 3.92
C THR A 289 20.64 20.57 3.53
N LYS A 290 21.68 21.02 2.85
CA LYS A 290 22.78 20.15 2.44
C LYS A 290 23.43 19.43 3.64
N PRO A 291 23.66 20.15 4.77
CA PRO A 291 24.29 19.49 5.92
C PRO A 291 23.48 18.35 6.47
N LEU A 292 22.16 18.53 6.54
CA LEU A 292 21.26 17.50 7.03
C LEU A 292 21.32 16.27 6.10
N LEU A 293 21.01 16.49 4.81
CA LEU A 293 21.08 15.46 3.79
C LEU A 293 22.37 14.65 3.82
N GLU A 294 23.51 15.34 3.91
CA GLU A 294 24.80 14.64 3.85
C GLU A 294 25.11 13.78 5.11
N ARG A 295 24.42 14.01 6.22
CA ARG A 295 24.48 13.07 7.35
C ARG A 295 23.83 11.68 7.07
N THR A 296 23.13 11.54 5.94
CA THR A 296 22.60 10.24 5.51
C THR A 296 23.54 9.43 4.57
N ARG A 297 24.62 10.05 4.08
CA ARG A 297 25.53 9.38 3.13
C ARG A 297 26.42 8.32 3.77
N ASN A 298 27.21 8.72 4.74
CA ASN A 298 28.11 7.80 5.43
C ASN A 298 27.42 6.58 6.05
N PRO A 299 26.26 6.77 6.67
CA PRO A 299 25.53 5.59 7.17
C PRO A 299 25.26 4.47 6.13
N ILE A 300 24.98 4.84 4.88
CA ILE A 300 24.79 3.88 3.80
C ILE A 300 26.04 3.01 3.62
N SER A 301 27.21 3.63 3.52
CA SER A 301 28.48 2.90 3.41
C SER A 301 28.79 2.14 4.69
N ASP A 302 28.49 2.73 5.84
CA ASP A 302 28.74 2.10 7.12
C ASP A 302 28.04 0.75 7.19
N VAL A 303 26.74 0.68 6.92
CA VAL A 303 26.02 -0.61 7.02
C VAL A 303 26.44 -1.60 5.92
N ILE A 304 26.74 -1.10 4.73
CA ILE A 304 27.29 -1.95 3.67
C ILE A 304 28.57 -2.66 4.12
N LYS A 305 29.51 -1.91 4.71
CA LYS A 305 30.75 -2.50 5.23
C LYS A 305 30.53 -3.35 6.49
N GLU A 306 29.63 -2.92 7.36
CA GLU A 306 29.31 -3.66 8.58
C GLU A 306 28.82 -5.07 8.26
N ALA A 307 28.05 -5.23 7.19
CA ALA A 307 27.57 -6.56 6.76
C ALA A 307 28.53 -7.29 5.83
N LYS A 308 29.70 -6.71 5.57
CA LYS A 308 30.81 -7.32 4.81
C LYS A 308 30.45 -7.71 3.37
N ILE A 309 29.87 -6.76 2.65
CA ILE A 309 29.45 -6.94 1.25
C ILE A 309 29.92 -5.73 0.46
N LYS A 310 30.06 -5.87 -0.86
CA LYS A 310 30.30 -4.71 -1.73
C LYS A 310 28.96 -4.09 -2.02
N PRO A 311 28.95 -2.84 -2.55
CA PRO A 311 27.67 -2.31 -3.06
C PRO A 311 27.07 -3.18 -4.18
N GLU A 312 27.94 -3.67 -5.06
CA GLU A 312 27.62 -4.66 -6.10
C GLU A 312 26.59 -5.73 -5.71
N GLU A 313 26.76 -6.30 -4.51
CA GLU A 313 25.97 -7.44 -4.07
C GLU A 313 24.56 -7.11 -3.61
N ILE A 314 24.20 -5.83 -3.54
CA ILE A 314 22.85 -5.43 -3.13
C ILE A 314 21.86 -5.67 -4.28
N ASN A 315 20.83 -6.47 -4.01
CA ASN A 315 19.85 -6.86 -5.01
C ASN A 315 18.75 -5.83 -5.22
N GLU A 316 18.34 -5.18 -4.14
CA GLU A 316 17.23 -4.24 -4.21
C GLU A 316 17.35 -3.14 -3.15
N ILE A 317 16.88 -1.96 -3.52
CA ILE A 317 16.85 -0.82 -2.59
C ILE A 317 15.44 -0.34 -2.44
N LEU A 318 15.00 -0.18 -1.20
CA LEU A 318 13.66 0.32 -0.95
C LEU A 318 13.74 1.66 -0.25
N LEU A 319 12.99 2.64 -0.75
CA LEU A 319 12.81 3.92 -0.05
C LEU A 319 11.54 3.90 0.83
N VAL A 320 11.75 4.17 2.13
CA VAL A 320 10.70 4.26 3.15
C VAL A 320 10.78 5.64 3.80
N GLY A 321 9.66 6.13 4.29
CA GLY A 321 9.54 7.51 4.82
C GLY A 321 9.05 8.50 3.77
N GLY A 322 8.18 9.43 4.16
CA GLY A 322 7.69 10.52 3.27
C GLY A 322 8.73 11.53 2.78
N SER A 323 9.78 11.75 3.56
CA SER A 323 10.90 12.61 3.15
C SER A 323 11.69 12.06 1.97
N THR A 324 11.50 10.78 1.63
CA THR A 324 12.16 10.17 0.48
C THR A 324 11.52 10.53 -0.84
N ARG A 325 10.38 11.21 -0.79
CA ARG A 325 9.81 11.90 -1.93
C ARG A 325 10.62 13.09 -2.37
N MET A 326 11.59 13.54 -1.58
CA MET A 326 12.46 14.67 -1.99
C MET A 326 13.51 14.27 -3.03
N PRO A 327 13.50 14.89 -4.22
CA PRO A 327 14.50 14.63 -5.28
C PRO A 327 15.96 14.46 -4.83
N ALA A 328 16.43 15.37 -3.97
CA ALA A 328 17.81 15.32 -3.46
C ALA A 328 18.14 14.03 -2.69
N VAL A 329 17.13 13.45 -2.05
CA VAL A 329 17.28 12.19 -1.30
C VAL A 329 17.38 11.01 -2.24
N GLN A 330 16.54 11.01 -3.29
CA GLN A 330 16.49 9.92 -4.27
C GLN A 330 17.79 9.92 -5.04
N LYS A 331 18.23 11.11 -5.41
CA LYS A 331 19.53 11.30 -6.06
C LYS A 331 20.68 10.86 -5.20
N LEU A 332 20.64 11.15 -3.91
CA LEU A 332 21.74 10.73 -3.02
C LEU A 332 21.88 9.22 -3.02
N VAL A 333 20.77 8.55 -2.66
CA VAL A 333 20.69 7.09 -2.58
C VAL A 333 21.23 6.44 -3.85
N GLU A 334 20.80 6.93 -5.03
CA GLU A 334 21.27 6.45 -6.33
C GLU A 334 22.78 6.56 -6.49
N SER A 335 23.33 7.68 -6.03
CA SER A 335 24.78 7.90 -6.10
C SER A 335 25.60 6.85 -5.31
N MET A 336 25.02 6.27 -4.26
CA MET A 336 25.76 5.32 -3.41
C MET A 336 25.62 3.87 -3.86
N VAL A 337 24.67 3.59 -4.75
CA VAL A 337 24.47 2.24 -5.27
C VAL A 337 24.37 2.29 -6.80
N PRO A 338 25.53 2.47 -7.48
CA PRO A 338 25.58 2.42 -8.94
C PRO A 338 24.83 1.23 -9.52
N GLY A 339 24.05 1.46 -10.57
CA GLY A 339 23.32 0.40 -11.27
C GLY A 339 21.88 0.27 -10.80
N LYS A 340 21.68 0.17 -9.47
CA LYS A 340 20.35 -0.08 -8.93
C LYS A 340 19.51 1.17 -8.87
N LYS A 341 18.25 1.01 -9.24
CA LYS A 341 17.25 2.05 -9.13
C LYS A 341 16.60 1.87 -7.77
N PRO A 342 16.62 2.91 -6.91
CA PRO A 342 15.82 2.81 -5.70
C PRO A 342 14.35 2.63 -6.05
N ASN A 343 13.67 1.78 -5.30
CA ASN A 343 12.27 1.47 -5.53
C ASN A 343 11.39 2.36 -4.65
N ARG A 344 10.59 3.22 -5.28
CA ARG A 344 9.68 4.16 -4.57
C ARG A 344 8.23 3.97 -5.00
N SER A 345 7.94 2.85 -5.66
CA SER A 345 6.65 2.62 -6.33
C SER A 345 5.47 2.36 -5.39
N ILE A 346 5.74 2.02 -4.15
CA ILE A 346 4.72 1.95 -3.10
C ILE A 346 4.94 3.16 -2.20
N ASN A 347 3.87 3.94 -1.97
CA ASN A 347 3.91 5.15 -1.14
C ASN A 347 4.84 4.91 0.02
N PRO A 348 5.94 5.68 0.12
CA PRO A 348 6.88 5.39 1.19
C PRO A 348 6.32 5.60 2.61
N ASP A 349 5.35 6.49 2.77
CA ASP A 349 4.65 6.69 4.07
C ASP A 349 3.58 5.66 4.40
N GLU A 350 3.12 4.91 3.40
CA GLU A 350 2.20 3.78 3.60
C GLU A 350 2.88 2.41 3.64
N VAL A 351 4.10 2.29 3.09
CA VAL A 351 4.68 0.98 2.76
C VAL A 351 4.81 0.06 3.97
N VAL A 352 5.18 0.64 5.10
CA VAL A 352 5.38 -0.12 6.31
C VAL A 352 4.06 -0.69 6.84
N ALA A 353 3.01 0.12 6.85
CA ALA A 353 1.71 -0.33 7.33
C ALA A 353 1.22 -1.47 6.46
N ILE A 354 1.33 -1.29 5.13
CA ILE A 354 0.99 -2.32 4.15
C ILE A 354 1.68 -3.67 4.48
N GLY A 355 2.96 -3.63 4.78
CA GLY A 355 3.70 -4.84 5.17
C GLY A 355 3.16 -5.53 6.39
N ALA A 356 2.84 -4.75 7.42
CA ALA A 356 2.18 -5.25 8.63
C ALA A 356 0.84 -5.94 8.32
N ALA A 357 0.08 -5.34 7.41
CA ALA A 357 -1.21 -5.87 6.98
C ALA A 357 -1.06 -7.24 6.31
N ILE A 358 -0.04 -7.36 5.48
CA ILE A 358 0.27 -8.62 4.82
C ILE A 358 0.62 -9.65 5.89
N GLN A 359 1.56 -9.32 6.77
CA GLN A 359 1.91 -10.20 7.88
C GLN A 359 0.67 -10.63 8.67
N GLY A 360 -0.24 -9.68 8.92
CA GLY A 360 -1.49 -9.95 9.62
C GLY A 360 -2.30 -11.05 8.94
N GLY A 361 -2.55 -10.89 7.64
CA GLY A 361 -3.23 -11.89 6.82
C GLY A 361 -2.59 -13.27 6.89
N VAL A 362 -1.27 -13.31 6.69
CA VAL A 362 -0.48 -14.55 6.81
C VAL A 362 -0.61 -15.26 8.18
N LEU A 363 -0.63 -14.51 9.28
CA LEU A 363 -0.82 -15.11 10.61
C LEU A 363 -2.23 -15.65 10.86
N ARG A 364 -3.20 -15.15 10.08
CA ARG A 364 -4.61 -15.48 10.27
C ARG A 364 -4.95 -16.85 9.69
N GLY A 365 -4.72 -17.01 8.39
CA GLY A 365 -5.12 -18.20 7.64
C GLY A 365 -5.69 -17.83 6.30
N ASP A 366 -6.46 -16.74 6.26
CA ASP A 366 -7.00 -16.19 5.00
C ASP A 366 -5.88 -15.47 4.25
N VAL A 367 -5.10 -16.27 3.51
CA VAL A 367 -4.01 -15.77 2.65
C VAL A 367 -4.43 -15.99 1.19
N LYS A 368 -5.62 -15.51 0.86
CA LYS A 368 -6.19 -15.65 -0.50
C LYS A 368 -5.51 -14.64 -1.42
N ASP A 369 -4.26 -14.94 -1.76
CA ASP A 369 -3.37 -14.01 -2.44
C ASP A 369 -3.77 -13.80 -3.91
N VAL A 370 -4.41 -12.66 -4.19
CA VAL A 370 -4.74 -12.30 -5.57
C VAL A 370 -3.48 -11.78 -6.25
N LEU A 371 -3.45 -11.92 -7.57
CA LEU A 371 -2.28 -11.57 -8.35
C LEU A 371 -2.73 -10.70 -9.52
N LEU A 372 -2.31 -9.44 -9.54
CA LEU A 372 -2.59 -8.53 -10.67
C LEU A 372 -1.65 -8.87 -11.84
N LEU A 373 -1.99 -9.93 -12.56
CA LEU A 373 -1.23 -10.37 -13.73
C LEU A 373 -1.76 -9.66 -14.97
N ASP A 374 -0.84 -9.36 -15.90
CA ASP A 374 -1.19 -8.73 -17.17
C ASP A 374 -1.56 -9.75 -18.27
N VAL A 375 -1.44 -11.04 -17.98
CA VAL A 375 -1.67 -12.10 -18.97
C VAL A 375 -2.64 -13.15 -18.40
N THR A 376 -3.47 -13.78 -19.24
CA THR A 376 -4.44 -14.80 -18.77
C THR A 376 -3.73 -16.11 -18.40
N PRO A 377 -3.81 -16.54 -17.13
CA PRO A 377 -3.10 -17.75 -16.70
C PRO A 377 -3.60 -19.06 -17.31
N LEU A 378 -4.90 -19.12 -17.63
CA LEU A 378 -5.52 -20.33 -18.18
C LEU A 378 -6.37 -20.05 -19.43
N THR A 379 -6.65 -21.13 -20.15
CA THR A 379 -7.53 -21.11 -21.29
C THR A 379 -8.95 -20.85 -20.82
N LEU A 380 -9.72 -20.13 -21.66
CA LEU A 380 -11.11 -19.84 -21.43
C LEU A 380 -11.88 -20.34 -22.64
N SER A 381 -12.91 -21.13 -22.35
CA SER A 381 -13.58 -21.95 -23.35
C SER A 381 -15.10 -21.93 -23.20
N ILE A 382 -15.77 -22.17 -24.32
CA ILE A 382 -17.20 -22.36 -24.36
C ILE A 382 -17.47 -23.86 -24.57
N GLU A 383 -18.48 -24.39 -23.87
CA GLU A 383 -18.89 -25.81 -24.04
C GLU A 383 -19.69 -25.96 -25.34
N THR A 384 -19.21 -26.88 -26.18
CA THR A 384 -19.84 -27.25 -27.44
C THR A 384 -20.37 -28.68 -27.35
N LEU A 385 -21.10 -29.09 -28.38
CA LEU A 385 -21.66 -30.44 -28.52
C LEU A 385 -20.79 -31.55 -27.87
N GLY A 386 -21.38 -32.34 -26.99
CA GLY A 386 -20.69 -33.43 -26.30
C GLY A 386 -19.92 -33.08 -25.01
N GLY A 387 -20.01 -31.84 -24.55
CA GLY A 387 -19.25 -31.39 -23.39
C GLY A 387 -17.81 -31.01 -23.72
N VAL A 388 -17.53 -30.75 -24.99
CA VAL A 388 -16.17 -30.38 -25.41
C VAL A 388 -15.93 -28.90 -25.13
N ALA A 389 -14.75 -28.59 -24.58
CA ALA A 389 -14.35 -27.21 -24.29
C ALA A 389 -13.66 -26.61 -25.50
N THR A 390 -14.41 -25.87 -26.31
CA THR A 390 -13.84 -25.12 -27.43
C THR A 390 -13.22 -23.82 -26.88
N PRO A 391 -11.89 -23.65 -27.03
CA PRO A 391 -11.25 -22.43 -26.51
C PRO A 391 -11.54 -21.19 -27.36
N LEU A 392 -11.69 -20.04 -26.70
CA LEU A 392 -11.83 -18.74 -27.35
C LEU A 392 -10.68 -17.79 -27.02
N ILE A 393 -10.22 -17.80 -25.77
CA ILE A 393 -9.01 -17.08 -25.35
C ILE A 393 -8.02 -18.10 -24.81
N LYS A 394 -6.90 -18.27 -25.53
CA LYS A 394 -5.89 -19.24 -25.16
C LYS A 394 -5.12 -18.81 -23.91
N ARG A 395 -4.59 -19.80 -23.20
CA ARG A 395 -3.75 -19.55 -22.03
C ARG A 395 -2.58 -18.64 -22.40
N ASN A 396 -2.24 -17.72 -21.50
CA ASN A 396 -1.15 -16.76 -21.69
C ASN A 396 -1.44 -15.77 -22.87
N THR A 397 -2.60 -15.11 -22.82
CA THR A 397 -2.94 -13.99 -23.71
C THR A 397 -3.01 -12.71 -22.86
N THR A 398 -2.55 -11.58 -23.40
CA THR A 398 -2.40 -10.35 -22.60
C THR A 398 -3.68 -9.48 -22.60
N ILE A 399 -4.18 -9.19 -21.40
CA ILE A 399 -5.32 -8.28 -21.22
C ILE A 399 -4.91 -6.81 -21.44
N PRO A 400 -5.81 -5.95 -21.95
CA PRO A 400 -7.17 -6.30 -22.36
C PRO A 400 -7.20 -7.02 -23.70
N VAL A 401 -8.25 -7.81 -23.90
CA VAL A 401 -8.45 -8.55 -25.15
C VAL A 401 -9.92 -8.95 -25.34
N SER A 402 -10.32 -9.06 -26.61
CA SER A 402 -11.64 -9.55 -27.00
C SER A 402 -11.56 -10.36 -28.28
N LYS A 403 -11.63 -11.69 -28.13
CA LYS A 403 -11.66 -12.62 -29.27
C LYS A 403 -13.12 -12.96 -29.59
N SER A 404 -13.37 -13.36 -30.85
CA SER A 404 -14.72 -13.67 -31.32
C SER A 404 -14.76 -14.79 -32.38
N GLN A 405 -15.76 -15.66 -32.25
CA GLN A 405 -16.05 -16.69 -33.26
C GLN A 405 -17.56 -16.89 -33.40
N ILE A 406 -17.99 -17.21 -34.63
CA ILE A 406 -19.37 -17.55 -34.93
C ILE A 406 -19.60 -19.05 -34.67
N PHE A 407 -20.65 -19.36 -33.93
CA PHE A 407 -21.07 -20.72 -33.65
C PHE A 407 -22.45 -20.96 -34.23
N SER A 408 -22.88 -22.21 -34.14
CA SER A 408 -24.24 -22.59 -34.53
C SER A 408 -24.93 -23.53 -33.53
N THR A 409 -26.08 -24.07 -33.95
CA THR A 409 -26.95 -24.90 -33.10
C THR A 409 -26.72 -26.39 -33.34
N ALA A 410 -26.71 -27.17 -32.25
CA ALA A 410 -26.46 -28.62 -32.30
C ALA A 410 -27.62 -29.42 -32.90
N GLN A 411 -28.85 -29.01 -32.59
CA GLN A 411 -30.06 -29.71 -33.01
C GLN A 411 -30.85 -28.88 -34.02
N ASP A 412 -31.66 -29.55 -34.82
CA ASP A 412 -32.57 -28.88 -35.73
C ASP A 412 -33.66 -28.19 -34.92
N ASN A 413 -34.12 -27.05 -35.41
CA ASN A 413 -35.27 -26.33 -34.83
C ASN A 413 -35.09 -25.92 -33.35
N GLN A 414 -33.85 -25.66 -32.97
CA GLN A 414 -33.48 -25.39 -31.57
C GLN A 414 -33.80 -23.93 -31.22
N GLU A 415 -34.69 -23.73 -30.25
CA GLU A 415 -35.19 -22.39 -29.89
C GLU A 415 -34.14 -21.48 -29.22
N SER A 416 -33.14 -22.08 -28.60
CA SER A 416 -32.12 -21.33 -27.84
C SER A 416 -30.74 -22.04 -27.79
N VAL A 417 -29.78 -21.43 -27.08
CA VAL A 417 -28.49 -22.05 -26.80
C VAL A 417 -28.02 -21.72 -25.38
N ASP A 418 -27.34 -22.70 -24.76
CA ASP A 418 -26.68 -22.53 -23.47
C ASP A 418 -25.22 -22.12 -23.72
N VAL A 419 -24.83 -21.00 -23.11
CA VAL A 419 -23.49 -20.44 -23.23
C VAL A 419 -22.79 -20.75 -21.91
N VAL A 420 -22.23 -21.97 -21.84
CA VAL A 420 -21.51 -22.47 -20.65
C VAL A 420 -19.99 -22.21 -20.72
N VAL A 421 -19.52 -21.30 -19.85
CA VAL A 421 -18.13 -20.85 -19.81
C VAL A 421 -17.33 -21.71 -18.81
N CYS A 422 -16.06 -21.98 -19.15
CA CYS A 422 -15.18 -22.76 -18.28
C CYS A 422 -13.70 -22.37 -18.43
N GLN A 423 -12.95 -22.58 -17.35
CA GLN A 423 -11.54 -22.22 -17.26
C GLN A 423 -10.72 -23.49 -17.03
N GLY A 424 -9.59 -23.61 -17.73
CA GLY A 424 -8.70 -24.77 -17.59
C GLY A 424 -8.30 -25.36 -18.93
N GLU A 425 -7.37 -26.32 -18.85
CA GLU A 425 -6.64 -26.82 -20.02
C GLU A 425 -7.08 -28.19 -20.46
N ARG A 426 -8.31 -28.58 -20.10
CA ARG A 426 -8.77 -29.93 -20.34
C ARG A 426 -9.78 -29.97 -21.46
N PRO A 427 -9.86 -31.09 -22.19
CA PRO A 427 -10.68 -31.13 -23.40
C PRO A 427 -12.19 -31.18 -23.14
N MET A 428 -12.61 -31.69 -21.98
CA MET A 428 -14.04 -31.71 -21.62
C MET A 428 -14.32 -30.59 -20.64
N SER A 429 -15.43 -29.89 -20.83
CA SER A 429 -15.80 -28.78 -19.93
C SER A 429 -16.19 -29.24 -18.51
N ARG A 430 -16.67 -30.48 -18.38
CA ARG A 430 -16.92 -31.07 -17.06
C ARG A 430 -15.61 -31.21 -16.24
N ASP A 431 -14.50 -31.53 -16.91
CA ASP A 431 -13.18 -31.60 -16.26
C ASP A 431 -12.72 -30.21 -15.79
N ASN A 432 -12.99 -29.20 -16.60
CA ASN A 432 -12.63 -27.82 -16.28
C ASN A 432 -13.55 -27.19 -15.23
N LYS A 433 -13.07 -26.11 -14.62
CA LYS A 433 -13.87 -25.33 -13.67
C LYS A 433 -14.79 -24.40 -14.43
N SER A 434 -16.09 -24.48 -14.15
CA SER A 434 -17.08 -23.62 -14.79
C SER A 434 -17.11 -22.24 -14.12
N LEU A 435 -17.29 -21.20 -14.93
CA LEU A 435 -17.34 -19.83 -14.46
C LEU A 435 -18.73 -19.21 -14.57
N GLY A 436 -19.65 -19.88 -15.29
CA GLY A 436 -21.00 -19.35 -15.46
C GLY A 436 -21.81 -20.06 -16.53
N ARG A 437 -23.10 -19.78 -16.52
CA ARG A 437 -24.02 -20.22 -17.57
C ARG A 437 -25.06 -19.13 -17.82
N PHE A 438 -25.54 -19.06 -19.04
CA PHE A 438 -26.72 -18.27 -19.38
C PHE A 438 -27.31 -18.74 -20.72
N ASN A 439 -28.57 -18.37 -20.99
CA ASN A 439 -29.30 -18.80 -22.17
C ASN A 439 -29.44 -17.64 -23.16
N LEU A 440 -29.72 -17.98 -24.42
CA LEU A 440 -30.06 -16.99 -25.45
C LEU A 440 -31.09 -17.59 -26.40
N GLY A 441 -32.32 -17.07 -26.36
CA GLY A 441 -33.40 -17.50 -27.26
C GLY A 441 -33.57 -16.57 -28.46
N GLY A 442 -34.80 -16.46 -28.94
CA GLY A 442 -35.11 -15.67 -30.12
C GLY A 442 -34.80 -16.36 -31.43
N ILE A 443 -34.39 -17.64 -31.35
CA ILE A 443 -33.78 -18.30 -32.51
C ILE A 443 -34.87 -19.02 -33.29
N GLN A 444 -34.89 -18.78 -34.59
CA GLN A 444 -35.96 -19.23 -35.47
C GLN A 444 -35.67 -20.65 -35.96
N PRO A 445 -36.70 -21.51 -36.04
CA PRO A 445 -36.54 -22.91 -36.49
C PRO A 445 -35.72 -23.03 -37.77
N ALA A 446 -34.62 -23.78 -37.71
CA ALA A 446 -33.75 -23.96 -38.85
C ALA A 446 -32.95 -25.25 -38.71
N PRO A 447 -32.33 -25.72 -39.83
CA PRO A 447 -31.43 -26.87 -39.72
C PRO A 447 -30.25 -26.60 -38.79
N LYS A 448 -29.70 -27.65 -38.18
CA LYS A 448 -28.48 -27.52 -37.39
C LYS A 448 -27.35 -27.02 -38.30
N GLY A 449 -26.64 -25.97 -37.87
CA GLY A 449 -25.60 -25.32 -38.70
C GLY A 449 -26.01 -24.03 -39.39
N LYS A 450 -27.31 -23.77 -39.52
CA LYS A 450 -27.83 -22.56 -40.16
C LYS A 450 -27.68 -21.31 -39.29
N PRO A 451 -28.16 -21.34 -38.02
CA PRO A 451 -28.10 -20.11 -37.22
C PRO A 451 -26.67 -19.67 -36.91
N GLN A 452 -26.39 -18.39 -37.10
CA GLN A 452 -25.04 -17.83 -36.97
C GLN A 452 -24.97 -16.94 -35.73
N ILE A 453 -24.41 -17.48 -34.65
CA ILE A 453 -24.36 -16.81 -33.34
C ILE A 453 -22.92 -16.40 -33.01
N GLU A 454 -22.66 -15.09 -33.07
CA GLU A 454 -21.33 -14.55 -32.77
C GLU A 454 -21.12 -14.45 -31.26
N ILE A 455 -20.19 -15.28 -30.77
CA ILE A 455 -19.77 -15.28 -29.37
C ILE A 455 -18.53 -14.41 -29.23
N THR A 456 -18.47 -13.62 -28.15
CA THR A 456 -17.34 -12.71 -27.90
C THR A 456 -16.91 -12.73 -26.42
N PHE A 457 -15.81 -13.41 -26.14
CA PHE A 457 -15.18 -13.40 -24.82
C PHE A 457 -14.37 -12.11 -24.72
N SER A 458 -14.61 -11.31 -23.68
CA SER A 458 -13.99 -9.98 -23.54
C SER A 458 -13.47 -9.72 -22.13
N LEU A 459 -12.18 -9.39 -22.06
CA LEU A 459 -11.49 -9.11 -20.80
C LEU A 459 -11.03 -7.65 -20.73
N ASP A 460 -11.42 -6.96 -19.68
CA ASP A 460 -10.91 -5.60 -19.40
C ASP A 460 -9.47 -5.67 -18.87
N ALA A 461 -8.78 -4.54 -18.90
CA ALA A 461 -7.39 -4.46 -18.40
C ALA A 461 -7.27 -4.71 -16.89
N ASN A 462 -8.35 -4.50 -16.13
CA ASN A 462 -8.38 -4.87 -14.70
C ASN A 462 -8.60 -6.37 -14.47
N GLY A 463 -8.98 -7.12 -15.51
CA GLY A 463 -8.97 -8.59 -15.49
C GLY A 463 -10.30 -9.26 -15.80
N ILE A 464 -11.39 -8.78 -15.18
CA ILE A 464 -12.71 -9.45 -15.26
C ILE A 464 -13.25 -9.68 -16.68
N LEU A 465 -14.17 -10.64 -16.79
CA LEU A 465 -14.60 -11.18 -18.08
C LEU A 465 -16.07 -10.86 -18.37
N ASN A 466 -16.34 -10.46 -19.62
CA ASN A 466 -17.70 -10.36 -20.16
C ASN A 466 -17.84 -11.19 -21.44
N VAL A 467 -18.82 -12.10 -21.46
CA VAL A 467 -19.09 -12.99 -22.61
C VAL A 467 -20.37 -12.54 -23.34
N LYS A 468 -20.22 -12.09 -24.59
CA LYS A 468 -21.33 -11.50 -25.37
C LYS A 468 -21.85 -12.40 -26.51
N ALA A 469 -22.90 -13.17 -26.21
CA ALA A 469 -23.61 -13.98 -27.21
C ALA A 469 -24.55 -13.09 -28.01
N LYS A 470 -24.49 -13.17 -29.34
CA LYS A 470 -25.39 -12.40 -30.21
C LYS A 470 -25.89 -13.23 -31.39
N ASP A 471 -27.22 -13.39 -31.46
CA ASP A 471 -27.89 -13.87 -32.67
C ASP A 471 -27.81 -12.73 -33.68
N LEU A 472 -27.09 -12.95 -34.78
CA LEU A 472 -26.84 -11.90 -35.76
C LEU A 472 -28.08 -11.53 -36.57
N THR A 473 -28.95 -12.51 -36.80
CA THR A 473 -30.20 -12.29 -37.52
C THR A 473 -31.17 -11.48 -36.68
N THR A 474 -31.59 -12.04 -35.54
CA THR A 474 -32.62 -11.41 -34.67
C THR A 474 -32.10 -10.28 -33.76
N GLN A 475 -30.79 -10.04 -33.75
CA GLN A 475 -30.14 -9.04 -32.88
C GLN A 475 -30.27 -9.30 -31.38
N LYS A 476 -30.82 -10.46 -31.00
CA LYS A 476 -31.06 -10.81 -29.60
C LYS A 476 -29.71 -11.11 -28.98
N GLU A 477 -29.40 -10.49 -27.84
CA GLU A 477 -28.09 -10.66 -27.21
C GLU A 477 -28.11 -10.59 -25.69
N ASN A 478 -27.94 -11.76 -25.07
CA ASN A 478 -27.72 -11.89 -23.63
C ASN A 478 -26.21 -11.98 -23.36
N SER A 479 -25.79 -11.50 -22.19
CA SER A 479 -24.38 -11.52 -21.82
C SER A 479 -24.23 -11.47 -20.31
N ILE A 480 -23.18 -12.14 -19.82
CA ILE A 480 -22.92 -12.30 -18.37
C ILE A 480 -21.51 -11.74 -18.07
N THR A 481 -21.32 -11.23 -16.85
CA THR A 481 -20.04 -10.69 -16.36
C THR A 481 -19.51 -11.60 -15.24
N ILE A 482 -18.20 -11.83 -15.22
CA ILE A 482 -17.57 -12.81 -14.31
C ILE A 482 -16.64 -12.12 -13.28
N SER A 483 -16.61 -12.67 -12.06
CA SER A 483 -15.74 -12.24 -10.94
C SER A 483 -14.41 -11.60 -11.37
N ASN A 487 -11.76 -13.81 -9.75
CA ASN A 487 -10.34 -14.02 -10.04
C ASN A 487 -9.78 -15.26 -9.29
N LEU A 488 -8.47 -15.52 -9.43
CA LEU A 488 -7.82 -16.78 -8.97
C LEU A 488 -6.65 -16.64 -7.97
N SER A 489 -6.37 -17.75 -7.29
CA SER A 489 -5.20 -17.90 -6.41
C SER A 489 -4.05 -18.55 -7.19
N GLU A 490 -2.83 -18.43 -6.68
CA GLU A 490 -1.67 -19.09 -7.29
C GLU A 490 -1.73 -20.63 -7.15
N GLU A 491 -2.12 -21.10 -5.96
CA GLU A 491 -2.25 -22.54 -5.69
C GLU A 491 -3.36 -23.16 -6.52
N GLU A 492 -4.41 -22.39 -6.74
CA GLU A 492 -5.60 -22.82 -7.46
C GLU A 492 -5.32 -22.92 -8.97
N ILE A 493 -4.56 -21.95 -9.49
CA ILE A 493 -3.99 -22.03 -10.84
C ILE A 493 -3.17 -23.31 -10.99
N GLN A 494 -2.22 -23.50 -10.07
CA GLN A 494 -1.27 -24.62 -10.14
C GLN A 494 -1.91 -26.00 -9.99
N LYS A 495 -3.00 -26.07 -9.22
CA LYS A 495 -3.81 -27.30 -9.08
C LYS A 495 -4.42 -27.75 -10.42
N MET A 496 -4.93 -26.79 -11.18
CA MET A 496 -5.57 -27.07 -12.47
C MET A 496 -4.54 -27.40 -13.56
N ILE A 497 -3.40 -26.71 -13.55
CA ILE A 497 -2.29 -27.05 -14.44
C ILE A 497 -1.82 -28.47 -14.09
N ARG A 498 -1.66 -28.75 -12.80
CA ARG A 498 -1.25 -30.06 -12.30
C ARG A 498 -2.25 -31.16 -12.70
N ASP A 499 -3.54 -30.85 -12.56
CA ASP A 499 -4.62 -31.78 -12.92
C ASP A 499 -4.57 -32.21 -14.40
N ALA A 500 -4.35 -31.24 -15.29
CA ALA A 500 -4.23 -31.51 -16.72
C ALA A 500 -2.96 -32.31 -17.01
N GLU A 501 -1.83 -31.83 -16.46
CA GLU A 501 -0.55 -32.57 -16.49
C GLU A 501 -0.73 -34.03 -16.05
N ALA A 502 -1.53 -34.24 -15.00
CA ALA A 502 -1.81 -35.57 -14.47
C ALA A 502 -2.69 -36.47 -15.35
N ASN A 503 -3.60 -35.90 -16.15
CA ASN A 503 -4.47 -36.69 -17.05
C ASN A 503 -4.18 -36.51 -18.54
N LYS A 504 -2.94 -36.18 -18.88
CA LYS A 504 -2.57 -35.79 -20.26
C LYS A 504 -2.73 -36.93 -21.27
N GLU A 505 -2.46 -38.16 -20.84
CA GLU A 505 -2.56 -39.35 -21.70
C GLU A 505 -4.01 -39.66 -22.00
N ARG A 506 -4.84 -39.63 -20.96
CA ARG A 506 -6.29 -39.82 -21.08
C ARG A 506 -6.89 -38.76 -22.00
N ASP A 507 -6.50 -37.50 -21.77
CA ASP A 507 -7.06 -36.36 -22.51
C ASP A 507 -6.74 -36.37 -24.01
N ASN A 508 -5.53 -36.77 -24.39
CA ASN A 508 -5.16 -36.86 -25.81
C ASN A 508 -5.99 -37.89 -26.60
N ILE A 509 -6.32 -39.02 -25.99
CA ILE A 509 -7.16 -40.03 -26.64
C ILE A 509 -8.60 -39.50 -26.83
N ILE A 510 -9.08 -38.68 -25.89
CA ILE A 510 -10.33 -37.94 -26.08
C ILE A 510 -10.17 -36.98 -27.27
N ARG A 511 -9.06 -36.23 -27.29
CA ARG A 511 -8.76 -35.27 -28.36
C ARG A 511 -8.69 -35.84 -29.78
N GLU A 512 -8.29 -37.11 -29.92
CA GLU A 512 -8.34 -37.81 -31.23
C GLU A 512 -9.71 -37.66 -31.91
N ARG A 513 -10.77 -37.90 -31.14
CA ARG A 513 -12.14 -37.78 -31.63
C ARG A 513 -12.64 -36.35 -31.83
N ILE A 514 -12.00 -35.36 -31.19
CA ILE A 514 -12.36 -33.93 -31.32
C ILE A 514 -11.75 -33.27 -32.56
N GLU A 515 -12.56 -32.50 -33.29
CA GLU A 515 -12.14 -31.72 -34.46
C GLU A 515 -12.68 -30.28 -34.38
N LEU A 516 -11.80 -29.35 -33.97
CA LEU A 516 -12.19 -27.96 -33.74
C LEU A 516 -12.16 -27.08 -35.00
N ARG A 517 -11.69 -27.62 -36.12
CA ARG A 517 -11.55 -26.82 -37.34
C ARG A 517 -12.89 -26.56 -38.02
N ASN A 518 -13.89 -27.34 -37.67
CA ASN A 518 -15.26 -27.11 -38.16
C ASN A 518 -16.05 -26.22 -37.18
N GLU A 519 -17.11 -25.61 -37.71
CA GLU A 519 -17.98 -24.72 -36.94
C GLU A 519 -18.49 -25.41 -35.66
N GLY A 520 -18.20 -24.81 -34.50
CA GLY A 520 -18.66 -25.34 -33.21
C GLY A 520 -20.16 -25.30 -33.08
N GLU A 521 -20.72 -26.18 -32.24
CA GLU A 521 -22.17 -26.28 -32.06
C GLU A 521 -22.58 -26.27 -30.59
N LEU A 522 -23.49 -25.36 -30.23
CA LEU A 522 -23.97 -25.22 -28.86
C LEU A 522 -25.34 -25.85 -28.70
N GLU A 523 -25.53 -26.63 -27.64
CA GLU A 523 -26.82 -27.30 -27.40
C GLU A 523 -27.59 -26.69 -26.23
N HIS A 524 -28.82 -27.16 -26.04
CA HIS A 524 -29.67 -26.77 -24.92
C HIS A 524 -30.07 -28.02 -24.14
N HIS A 525 -29.61 -28.12 -22.91
CA HIS A 525 -30.16 -29.04 -21.89
C HIS A 525 -30.94 -28.14 -20.93
N HIS A 526 -32.11 -28.58 -20.46
CA HIS A 526 -33.03 -27.68 -19.72
C HIS A 526 -32.50 -27.26 -18.32
N HIS A 527 -31.74 -26.15 -18.32
CA HIS A 527 -31.27 -25.45 -17.11
C HIS A 527 -30.66 -26.36 -16.05
PB ADP B . 7.30 8.65 10.12
O1B ADP B . 8.53 9.18 10.82
O2B ADP B . 7.55 7.34 9.41
O3B ADP B . 6.04 8.71 10.93
PA ADP B . 6.36 9.67 7.56
O1A ADP B . 4.86 9.55 7.72
O2A ADP B . 7.14 8.66 6.79
O3A ADP B . 7.07 9.80 9.01
O5' ADP B . 6.54 11.12 6.90
C5' ADP B . 7.52 11.99 7.48
C4' ADP B . 7.92 13.21 6.67
O4' ADP B . 7.54 13.09 5.31
C3' ADP B . 7.36 14.53 7.17
O3' ADP B . 8.40 15.28 7.79
C2' ADP B . 6.84 15.23 5.93
O2' ADP B . 7.20 16.62 5.90
C1' ADP B . 7.51 14.43 4.83
N9 ADP B . 6.86 14.46 3.51
C8 ADP B . 5.68 13.93 3.16
N7 ADP B . 5.44 14.15 1.84
C5 ADP B . 6.49 14.82 1.34
C6 ADP B . 6.91 15.38 0.05
N6 ADP B . 6.12 15.26 -1.04
N1 ADP B . 8.11 16.00 -0.02
C2 ADP B . 8.92 16.14 1.05
N3 ADP B . 8.61 15.67 2.26
C4 ADP B . 7.43 15.01 2.46
P PO4 C . 9.88 5.95 12.32
O1 PO4 C . 10.17 7.32 12.87
O2 PO4 C . 8.38 5.80 12.30
O3 PO4 C . 10.49 4.90 13.23
O4 PO4 C . 10.41 5.82 10.92
#